data_5N06
#
_entry.id   5N06
#
_cell.length_a   54.054
_cell.length_b   54.054
_cell.length_c   107.270
_cell.angle_alpha   90.00
_cell.angle_beta   90.00
_cell.angle_gamma   120.00
#
_symmetry.space_group_name_H-M   'P 65'
#
loop_
_entity.id
_entity.type
_entity.pdbx_description
1 polymer 'Tyrosine-protein kinase receptor Tie-1'
2 water water
#
_entity_poly.entity_id   1
_entity_poly.type   'polypeptide(L)'
_entity_poly.pdbx_seq_one_letter_code
;MKFLVNVALVFMVVYISYIYADPSGPPAPRHLHAQALSDSEIQLTWKHPEALPGPISKYVVEVQVAGGAGDPLWIDVDRP
EETSTIIRGLNASTRYLFRMRASIQGLGDWSNTVEESTLGHHHHHH
;
_entity_poly.pdbx_strand_id   A,B
#
# COMPACT_ATOMS: atom_id res chain seq x y z
N GLY A 25 -0.13 16.35 3.46
CA GLY A 25 0.23 17.08 2.27
C GLY A 25 1.70 16.89 1.92
N PRO A 26 2.00 15.81 1.17
CA PRO A 26 3.37 15.45 0.79
C PRO A 26 3.80 16.12 -0.50
N PRO A 27 4.94 16.80 -0.47
CA PRO A 27 5.54 17.41 -1.66
C PRO A 27 6.13 16.36 -2.58
N ALA A 28 6.40 16.74 -3.82
CA ALA A 28 6.98 15.83 -4.79
C ALA A 28 8.47 15.66 -4.53
N PRO A 29 9.04 14.52 -4.91
CA PRO A 29 10.49 14.32 -4.79
C PRO A 29 11.25 15.13 -5.83
N ARG A 30 12.25 15.89 -5.40
CA ARG A 30 13.00 16.76 -6.30
C ARG A 30 14.15 16.02 -6.96
N HIS A 31 14.63 16.58 -8.08
CA HIS A 31 15.77 16.05 -8.82
C HIS A 31 15.55 14.61 -9.28
N LEU A 32 14.77 14.46 -10.36
CA LEU A 32 14.45 13.15 -10.89
C LEU A 32 15.27 12.87 -12.15
N HIS A 33 15.71 11.63 -12.32
CA HIS A 33 16.46 11.26 -13.51
C HIS A 33 16.45 9.74 -13.72
N ALA A 34 16.27 9.33 -14.96
CA ALA A 34 16.24 7.91 -15.30
C ALA A 34 17.32 7.56 -16.30
N GLN A 35 17.78 6.32 -16.25
CA GLN A 35 18.79 5.85 -17.17
C GLN A 35 18.62 4.35 -17.36
N ALA A 36 18.73 3.92 -18.61
CA ALA A 36 18.44 2.54 -18.96
C ALA A 36 19.64 1.64 -18.73
N LEU A 37 19.47 0.64 -17.87
CA LEU A 37 20.51 -0.36 -17.63
C LEU A 37 20.52 -1.38 -18.74
N SER A 38 19.33 -1.74 -19.19
CA SER A 38 19.19 -2.68 -20.29
C SER A 38 18.13 -2.15 -21.24
N ASP A 39 17.81 -2.89 -22.28
CA ASP A 39 16.78 -2.46 -23.21
C ASP A 39 15.40 -2.69 -22.61
N SER A 40 15.35 -3.58 -21.63
CA SER A 40 14.10 -4.01 -21.04
C SER A 40 13.93 -3.51 -19.60
N GLU A 41 14.74 -2.54 -19.20
CA GLU A 41 14.64 -2.01 -17.85
C GLU A 41 15.34 -0.66 -17.67
N ILE A 42 14.72 0.21 -16.89
CA ILE A 42 15.29 1.52 -16.60
C ILE A 42 15.26 1.81 -15.11
N GLN A 43 16.39 2.23 -14.56
CA GLN A 43 16.44 2.60 -13.15
C GLN A 43 16.14 4.09 -12.98
N LEU A 44 15.53 4.43 -11.85
CA LEU A 44 15.09 5.79 -11.61
C LEU A 44 15.73 6.33 -10.34
N THR A 45 16.31 7.52 -10.43
CA THR A 45 17.01 8.09 -9.29
C THR A 45 16.35 9.36 -8.81
N TRP A 46 16.03 9.41 -7.53
CA TRP A 46 15.39 10.59 -6.96
C TRP A 46 16.03 11.02 -5.65
N LYS A 47 15.59 12.16 -5.14
CA LYS A 47 16.12 12.69 -3.88
C LYS A 47 14.99 13.12 -2.96
N HIS A 48 15.27 13.12 -1.67
CA HIS A 48 14.30 13.52 -0.66
C HIS A 48 14.06 15.02 -0.69
N PRO A 49 12.80 15.44 -0.56
CA PRO A 49 12.54 16.84 -0.26
C PRO A 49 12.95 17.15 1.19
N GLU A 50 13.49 18.34 1.42
CA GLU A 50 14.01 18.70 2.73
C GLU A 50 13.14 18.72 3.99
N ALA A 51 12.19 19.64 4.02
CA ALA A 51 11.21 19.71 5.10
C ALA A 51 9.88 19.13 4.67
N LEU A 52 9.45 18.09 5.38
CA LEU A 52 8.21 17.39 5.03
C LEU A 52 7.30 17.33 6.24
N PRO A 53 6.01 17.67 6.05
CA PRO A 53 5.04 17.58 7.14
C PRO A 53 4.69 16.14 7.48
N GLY A 54 5.35 15.60 8.50
CA GLY A 54 5.13 14.23 8.91
C GLY A 54 5.90 13.26 8.06
N PRO A 55 5.90 11.98 8.44
CA PRO A 55 6.59 10.93 7.70
C PRO A 55 5.77 10.44 6.51
N ILE A 56 6.45 9.93 5.49
CA ILE A 56 5.76 9.37 4.35
C ILE A 56 5.78 7.85 4.40
N SER A 57 4.77 7.24 3.77
CA SER A 57 4.61 5.80 3.85
C SER A 57 5.27 5.07 2.69
N LYS A 58 5.15 5.62 1.48
CA LYS A 58 5.69 4.97 0.30
C LYS A 58 5.86 5.95 -0.86
N TYR A 59 6.51 5.49 -1.92
CA TYR A 59 6.63 6.26 -3.15
C TYR A 59 5.85 5.58 -4.25
N VAL A 60 5.30 6.36 -5.17
CA VAL A 60 4.54 5.79 -6.28
C VAL A 60 5.11 6.20 -7.63
N VAL A 61 5.58 5.21 -8.38
CA VAL A 61 6.20 5.44 -9.68
C VAL A 61 5.31 4.92 -10.79
N GLU A 62 5.26 5.66 -11.91
CA GLU A 62 4.45 5.24 -13.04
C GLU A 62 5.19 5.30 -14.36
N VAL A 63 4.86 4.37 -15.24
CA VAL A 63 5.51 4.27 -16.54
C VAL A 63 4.50 4.48 -17.65
N GLN A 64 4.87 5.30 -18.62
CA GLN A 64 4.00 5.60 -19.75
C GLN A 64 4.82 5.82 -21.01
N VAL A 65 4.22 5.53 -22.16
CA VAL A 65 4.94 5.56 -23.43
C VAL A 65 5.10 6.94 -24.08
N ALA A 66 4.04 7.74 -24.27
CA ALA A 66 2.64 7.44 -23.94
C ALA A 66 1.73 7.98 -25.04
N GLY A 67 1.63 7.25 -26.14
CA GLY A 67 0.80 7.65 -27.26
C GLY A 67 -0.68 7.51 -26.98
N ASP A 71 -4.85 3.29 -18.47
CA ASP A 71 -3.86 2.72 -19.37
C ASP A 71 -2.43 2.76 -18.81
N PRO A 72 -1.99 3.91 -18.26
CA PRO A 72 -0.62 3.86 -17.74
C PRO A 72 -0.50 2.97 -16.51
N LEU A 73 0.65 2.31 -16.41
CA LEU A 73 0.93 1.36 -15.33
C LEU A 73 1.46 2.07 -14.09
N TRP A 74 0.97 1.67 -12.92
CA TRP A 74 1.45 2.22 -11.65
C TRP A 74 2.30 1.21 -10.88
N ILE A 75 3.45 1.65 -10.38
CA ILE A 75 4.34 0.78 -9.61
C ILE A 75 4.67 1.36 -8.23
N ASP A 76 4.26 0.66 -7.18
CA ASP A 76 4.40 1.16 -5.82
C ASP A 76 5.73 0.77 -5.19
N VAL A 77 6.52 1.78 -4.82
CA VAL A 77 7.77 1.55 -4.11
C VAL A 77 7.51 1.52 -2.61
N ASP A 78 7.75 0.35 -2.00
CA ASP A 78 7.38 0.11 -0.62
C ASP A 78 8.23 0.89 0.39
N ARG A 79 9.54 0.80 0.26
CA ARG A 79 10.43 1.44 1.22
C ARG A 79 10.62 2.93 0.89
N PRO A 80 10.10 3.82 1.76
CA PRO A 80 10.16 5.28 1.57
C PRO A 80 11.59 5.80 1.77
N GLU A 81 12.40 5.08 2.52
CA GLU A 81 13.78 5.47 2.77
C GLU A 81 14.70 5.01 1.63
N GLU A 82 14.23 5.18 0.40
CA GLU A 82 14.97 4.68 -0.74
C GLU A 82 15.16 5.76 -1.78
N THR A 83 16.32 5.80 -2.42
CA THR A 83 16.59 6.86 -3.38
C THR A 83 16.64 6.39 -4.83
N SER A 84 16.41 5.11 -5.05
CA SER A 84 16.44 4.58 -6.40
C SER A 84 15.75 3.23 -6.45
N THR A 85 15.27 2.87 -7.62
CA THR A 85 14.70 1.55 -7.82
C THR A 85 14.76 1.20 -9.29
N ILE A 86 14.71 -0.09 -9.58
CA ILE A 86 14.83 -0.56 -10.96
C ILE A 86 13.52 -1.07 -11.51
N ILE A 87 13.08 -0.49 -12.61
CA ILE A 87 11.84 -0.88 -13.24
C ILE A 87 12.03 -2.05 -14.18
N ARG A 88 11.46 -3.20 -13.81
CA ARG A 88 11.61 -4.41 -14.59
C ARG A 88 10.39 -4.67 -15.49
N GLY A 89 10.64 -5.37 -16.59
CA GLY A 89 9.60 -5.72 -17.53
C GLY A 89 9.21 -4.60 -18.46
N LEU A 90 10.14 -4.17 -19.31
CA LEU A 90 9.88 -3.12 -20.28
C LEU A 90 10.22 -3.61 -21.68
N ASN A 91 9.83 -2.83 -22.68
CA ASN A 91 10.07 -3.20 -24.07
C ASN A 91 11.35 -2.55 -24.57
N ALA A 92 11.99 -3.23 -25.52
CA ALA A 92 13.25 -2.75 -26.06
C ALA A 92 12.99 -1.67 -27.09
N SER A 93 13.96 -0.79 -27.25
CA SER A 93 13.92 0.26 -28.27
C SER A 93 12.65 1.11 -28.16
N THR A 94 12.21 1.36 -26.93
CA THR A 94 11.01 2.15 -26.72
C THR A 94 11.26 3.23 -25.67
N ARG A 95 10.77 4.43 -25.97
CA ARG A 95 10.93 5.56 -25.07
C ARG A 95 9.82 5.55 -24.02
N TYR A 96 10.15 6.01 -22.82
CA TYR A 96 9.19 6.07 -21.72
C TYR A 96 9.30 7.38 -20.96
N LEU A 97 8.22 7.73 -20.26
CA LEU A 97 8.23 8.90 -19.41
C LEU A 97 7.81 8.51 -17.99
N PHE A 98 8.52 9.07 -17.01
CA PHE A 98 8.35 8.68 -15.62
C PHE A 98 7.96 9.86 -14.74
N ARG A 99 7.17 9.56 -13.72
CA ARG A 99 6.79 10.55 -12.71
C ARG A 99 6.78 9.89 -11.34
N MET A 100 6.93 10.71 -10.31
CA MET A 100 6.94 10.20 -8.94
C MET A 100 6.19 11.09 -7.97
N ARG A 101 5.77 10.51 -6.85
CA ARG A 101 5.09 11.26 -5.81
C ARG A 101 5.28 10.60 -4.45
N ALA A 102 5.30 11.41 -3.40
CA ALA A 102 5.42 10.88 -2.03
C ALA A 102 4.04 10.63 -1.49
N SER A 103 3.91 9.61 -0.64
CA SER A 103 2.59 9.26 -0.11
C SER A 103 2.58 9.17 1.40
N ILE A 104 1.59 9.80 2.01
CA ILE A 104 1.40 9.73 3.45
C ILE A 104 0.05 9.13 3.78
N GLN A 105 0.05 7.91 4.29
CA GLN A 105 -1.20 7.25 4.66
C GLN A 105 -1.62 7.61 6.08
N GLY A 106 -2.87 8.02 6.25
CA GLY A 106 -3.38 8.39 7.55
C GLY A 106 -4.12 7.23 8.18
N LEU A 107 -3.59 6.73 9.28
CA LEU A 107 -4.20 5.60 9.96
C LEU A 107 -5.51 6.00 10.62
N GLY A 108 -6.49 5.11 10.51
CA GLY A 108 -7.79 5.33 11.10
C GLY A 108 -7.84 4.81 12.51
N ASP A 109 -8.96 5.01 13.19
CA ASP A 109 -9.11 4.55 14.57
C ASP A 109 -9.27 3.03 14.58
N TRP A 110 -8.88 2.42 15.69
CA TRP A 110 -8.99 0.97 15.85
C TRP A 110 -10.44 0.58 16.17
N SER A 111 -10.84 -0.59 15.70
CA SER A 111 -12.18 -1.08 15.95
C SER A 111 -12.22 -1.86 17.26
N ASN A 112 -13.39 -2.37 17.60
CA ASN A 112 -13.53 -3.17 18.81
C ASN A 112 -12.82 -4.51 18.66
N THR A 113 -12.17 -4.94 19.74
CA THR A 113 -11.42 -6.18 19.73
C THR A 113 -12.34 -7.38 19.88
N VAL A 114 -12.09 -8.42 19.08
CA VAL A 114 -12.90 -9.63 19.14
C VAL A 114 -12.02 -10.88 19.22
N GLU A 115 -12.53 -11.91 19.90
CA GLU A 115 -11.75 -13.13 20.12
C GLU A 115 -12.44 -14.35 19.53
N GLU A 116 -11.65 -15.20 18.89
CA GLU A 116 -12.14 -16.42 18.25
C GLU A 116 -11.02 -17.42 18.07
N SER A 117 -11.03 -18.48 18.86
CA SER A 117 -9.95 -19.45 18.86
C SER A 117 -10.14 -20.52 17.79
N THR A 118 -9.02 -21.09 17.34
CA THR A 118 -9.08 -22.16 16.35
C THR A 118 -8.99 -23.52 17.04
N LEU A 119 -9.90 -24.40 16.71
CA LEU A 119 -9.91 -25.72 17.33
C LEU A 119 -9.39 -26.81 16.38
N GLY A 120 -9.73 -28.05 16.69
CA GLY A 120 -9.35 -29.18 15.87
C GLY A 120 -10.22 -29.34 14.64
N PRO B 26 -9.71 8.36 9.72
CA PRO B 26 -10.73 7.41 9.27
C PRO B 26 -11.38 6.65 10.42
N PRO B 27 -12.71 6.73 10.52
CA PRO B 27 -13.52 6.03 11.52
C PRO B 27 -13.29 4.52 11.49
N ALA B 28 -13.34 3.91 12.68
CA ALA B 28 -13.10 2.49 12.82
C ALA B 28 -14.26 1.70 12.22
N PRO B 29 -13.94 0.58 11.56
CA PRO B 29 -14.95 -0.33 10.99
C PRO B 29 -15.75 -1.03 12.09
N ARG B 30 -17.03 -0.70 12.21
CA ARG B 30 -17.84 -1.16 13.34
C ARG B 30 -18.31 -2.59 13.15
N HIS B 31 -18.75 -3.20 14.25
CA HIS B 31 -19.36 -4.53 14.23
C HIS B 31 -18.44 -5.56 13.61
N LEU B 32 -17.32 -5.81 14.28
CA LEU B 32 -16.34 -6.76 13.80
C LEU B 32 -16.75 -8.17 14.21
N HIS B 33 -16.45 -9.16 13.37
CA HIS B 33 -16.82 -10.53 13.65
C HIS B 33 -15.74 -11.49 13.18
N ALA B 34 -15.63 -12.65 13.83
CA ALA B 34 -14.63 -13.63 13.46
C ALA B 34 -15.19 -15.05 13.48
N GLN B 35 -14.67 -15.90 12.58
CA GLN B 35 -15.13 -17.27 12.46
C GLN B 35 -14.11 -18.08 11.66
N ALA B 36 -13.43 -19.00 12.27
CA ALA B 36 -12.39 -19.80 11.65
C ALA B 36 -12.97 -20.98 10.89
N LEU B 37 -12.14 -21.63 10.07
CA LEU B 37 -12.58 -22.77 9.28
C LEU B 37 -12.45 -24.07 10.07
N SER B 38 -11.22 -24.48 10.33
CA SER B 38 -10.98 -25.72 11.07
C SER B 38 -9.63 -25.70 11.78
N ASP B 39 -8.56 -25.65 11.00
CA ASP B 39 -7.21 -25.71 11.56
C ASP B 39 -6.18 -25.08 10.62
N SER B 40 -6.54 -23.96 10.01
CA SER B 40 -5.65 -23.29 9.08
C SER B 40 -6.00 -21.81 8.89
N GLU B 41 -7.20 -21.55 8.37
CA GLU B 41 -7.60 -20.19 8.03
C GLU B 41 -8.71 -19.67 8.94
N ILE B 42 -8.67 -18.40 9.17
CA ILE B 42 -9.71 -17.74 9.95
C ILE B 42 -10.31 -16.56 9.19
N GLN B 43 -11.63 -16.52 9.09
CA GLN B 43 -12.29 -15.48 8.32
C GLN B 43 -12.90 -14.40 9.20
N LEU B 44 -12.76 -13.14 8.78
CA LEU B 44 -13.28 -12.01 9.53
C LEU B 44 -14.40 -11.32 8.78
N THR B 45 -15.27 -10.63 9.51
CA THR B 45 -16.39 -9.93 8.90
C THR B 45 -16.70 -8.63 9.63
N TRP B 46 -16.84 -7.55 8.88
CA TRP B 46 -17.03 -6.25 9.50
C TRP B 46 -17.99 -5.36 8.71
N LYS B 47 -18.62 -4.43 9.41
CA LYS B 47 -19.49 -3.45 8.78
C LYS B 47 -18.71 -2.17 8.53
N HIS B 48 -18.95 -1.56 7.37
CA HIS B 48 -18.28 -0.32 7.00
C HIS B 48 -18.70 0.81 7.93
N PRO B 49 -17.80 1.78 8.15
CA PRO B 49 -18.08 2.96 8.99
C PRO B 49 -18.86 4.04 8.23
N GLU B 50 -19.73 4.76 8.93
CA GLU B 50 -20.55 5.78 8.30
C GLU B 50 -19.98 7.18 8.53
N ALA B 51 -20.24 8.07 7.57
CA ALA B 51 -19.77 9.45 7.61
C ALA B 51 -18.25 9.52 7.70
N LEU B 52 -17.58 9.42 6.55
CA LEU B 52 -16.13 9.56 6.51
C LEU B 52 -15.70 10.62 5.50
N PRO B 53 -14.74 11.45 5.89
CA PRO B 53 -14.24 12.52 5.02
C PRO B 53 -13.37 11.99 3.88
N GLY B 54 -14.00 11.78 2.73
CA GLY B 54 -13.29 11.24 1.58
C GLY B 54 -13.21 9.74 1.66
N PRO B 55 -12.58 9.11 0.66
CA PRO B 55 -12.47 7.65 0.56
C PRO B 55 -11.43 7.08 1.50
N ILE B 56 -11.26 5.77 1.44
CA ILE B 56 -10.22 5.08 2.20
C ILE B 56 -9.42 4.18 1.28
N SER B 57 -8.18 3.91 1.63
CA SER B 57 -7.29 3.16 0.75
C SER B 57 -7.31 1.65 1.02
N LYS B 58 -7.36 1.28 2.30
CA LYS B 58 -7.26 -0.12 2.67
C LYS B 58 -7.66 -0.34 4.12
N TYR B 59 -7.89 -1.60 4.48
CA TYR B 59 -8.20 -1.96 5.86
C TYR B 59 -7.05 -2.72 6.45
N VAL B 60 -6.50 -2.22 7.55
CA VAL B 60 -5.37 -2.89 8.18
C VAL B 60 -5.85 -3.80 9.31
N VAL B 61 -5.30 -5.00 9.38
CA VAL B 61 -5.72 -5.99 10.35
C VAL B 61 -4.54 -6.52 11.16
N GLU B 62 -4.67 -6.51 12.48
CA GLU B 62 -3.61 -7.00 13.36
C GLU B 62 -3.94 -8.36 13.94
N VAL B 63 -2.93 -9.23 14.01
CA VAL B 63 -3.13 -10.58 14.53
C VAL B 63 -2.10 -10.94 15.59
N GLN B 64 -2.57 -11.13 16.82
CA GLN B 64 -1.68 -11.51 17.92
C GLN B 64 -1.90 -12.97 18.29
N VAL B 65 -0.79 -13.68 18.51
CA VAL B 65 -0.86 -15.09 18.85
C VAL B 65 -1.21 -15.26 20.32
N PRO B 72 3.30 -9.51 17.26
CA PRO B 72 2.15 -9.12 16.44
C PRO B 72 2.48 -9.09 14.96
N LEU B 73 1.46 -9.10 14.10
CA LEU B 73 1.67 -9.02 12.65
C LEU B 73 0.52 -8.28 11.99
N TRP B 74 0.84 -7.24 11.23
CA TRP B 74 -0.18 -6.50 10.49
C TRP B 74 -0.33 -7.05 9.08
N ILE B 75 -1.56 -7.39 8.72
CA ILE B 75 -1.86 -7.89 7.37
C ILE B 75 -3.07 -7.19 6.78
N ASP B 76 -2.81 -6.21 5.93
CA ASP B 76 -3.87 -5.35 5.39
C ASP B 76 -4.55 -5.93 4.16
N VAL B 77 -5.82 -5.55 3.99
CA VAL B 77 -6.59 -5.95 2.82
C VAL B 77 -6.47 -4.90 1.74
N ASP B 78 -6.01 -5.33 0.57
CA ASP B 78 -5.74 -4.43 -0.55
C ASP B 78 -6.99 -3.69 -1.02
N ARG B 79 -8.06 -4.42 -1.32
CA ARG B 79 -9.29 -3.80 -1.78
C ARG B 79 -10.12 -3.25 -0.62
N PRO B 80 -10.31 -1.92 -0.56
CA PRO B 80 -11.01 -1.21 0.52
C PRO B 80 -12.53 -1.43 0.53
N GLU B 81 -13.10 -1.69 -0.64
CA GLU B 81 -14.55 -1.91 -0.74
C GLU B 81 -14.92 -3.34 -0.35
N GLU B 82 -14.41 -3.80 0.78
CA GLU B 82 -14.55 -5.20 1.14
C GLU B 82 -15.12 -5.37 2.54
N THR B 83 -15.89 -6.44 2.74
CA THR B 83 -16.54 -6.66 4.03
C THR B 83 -16.04 -7.90 4.76
N SER B 84 -15.20 -8.70 4.10
CA SER B 84 -14.70 -9.91 4.72
C SER B 84 -13.40 -10.37 4.08
N THR B 85 -12.54 -10.96 4.88
CA THR B 85 -11.26 -11.44 4.38
C THR B 85 -10.80 -12.67 5.14
N ILE B 86 -9.88 -13.41 4.53
CA ILE B 86 -9.42 -14.66 5.09
C ILE B 86 -8.04 -14.55 5.70
N ILE B 87 -7.94 -14.89 6.99
CA ILE B 87 -6.66 -14.81 7.68
C ILE B 87 -5.97 -16.16 7.72
N ARG B 88 -4.91 -16.30 6.93
CA ARG B 88 -4.21 -17.57 6.82
C ARG B 88 -3.09 -17.68 7.84
N GLY B 89 -2.51 -18.88 7.92
CA GLY B 89 -1.39 -19.17 8.79
C GLY B 89 -1.74 -19.10 10.25
N LEU B 90 -2.40 -20.14 10.76
CA LEU B 90 -2.78 -20.17 12.17
C LEU B 90 -2.72 -21.58 12.74
N ASN B 91 -1.93 -21.73 13.81
CA ASN B 91 -1.79 -23.01 14.49
C ASN B 91 -3.01 -23.31 15.35
N ALA B 92 -3.42 -24.57 15.35
CA ALA B 92 -4.65 -24.99 16.02
C ALA B 92 -4.50 -24.91 17.53
N SER B 93 -5.64 -24.88 18.22
CA SER B 93 -5.67 -24.79 19.67
C SER B 93 -4.89 -23.57 20.17
N THR B 94 -5.27 -22.39 19.69
CA THR B 94 -4.61 -21.16 20.10
C THR B 94 -5.61 -20.04 20.21
N ARG B 95 -5.57 -19.31 21.32
CA ARG B 95 -6.46 -18.19 21.53
C ARG B 95 -6.05 -17.00 20.65
N TYR B 96 -6.83 -16.76 19.59
CA TYR B 96 -6.58 -15.64 18.69
C TYR B 96 -7.55 -14.49 18.91
N LEU B 97 -7.07 -13.28 18.69
CA LEU B 97 -7.92 -12.10 18.78
C LEU B 97 -7.57 -11.09 17.69
N PHE B 98 -8.58 -10.34 17.21
CA PHE B 98 -8.39 -9.46 16.07
C PHE B 98 -8.84 -8.03 16.34
N ARG B 99 -8.36 -7.12 15.50
CA ARG B 99 -8.68 -5.71 15.59
C ARG B 99 -8.39 -5.07 14.24
N MET B 100 -9.23 -4.12 13.84
CA MET B 100 -9.07 -3.49 12.53
C MET B 100 -9.16 -1.98 12.56
N ARG B 101 -8.70 -1.36 11.47
CA ARG B 101 -8.72 0.08 11.34
C ARG B 101 -8.68 0.47 9.86
N ALA B 102 -9.17 1.65 9.55
CA ALA B 102 -9.20 2.13 8.17
C ALA B 102 -7.95 2.95 7.89
N SER B 103 -7.78 3.35 6.64
CA SER B 103 -6.59 4.08 6.24
C SER B 103 -6.86 4.90 4.99
N ILE B 104 -6.16 6.02 4.86
CA ILE B 104 -6.30 6.86 3.69
C ILE B 104 -4.95 7.36 3.19
N GLN B 105 -4.58 6.89 2.00
CA GLN B 105 -3.30 7.29 1.42
C GLN B 105 -3.35 8.72 0.88
N GLY B 106 -2.64 9.62 1.55
CA GLY B 106 -2.56 10.98 1.10
C GLY B 106 -1.57 11.14 -0.04
N LEU B 107 -2.04 10.97 -1.26
CA LEU B 107 -1.17 11.05 -2.42
C LEU B 107 -0.78 12.49 -2.72
N GLY B 108 0.50 12.79 -2.57
CA GLY B 108 1.02 14.11 -2.81
C GLY B 108 1.14 14.45 -4.30
N ASP B 109 1.74 15.59 -4.59
CA ASP B 109 1.89 16.06 -5.96
C ASP B 109 2.94 15.25 -6.74
N TRP B 110 2.73 15.13 -8.04
CA TRP B 110 3.65 14.42 -8.93
C TRP B 110 4.96 15.20 -9.08
N SER B 111 6.02 14.52 -9.47
CA SER B 111 7.31 15.16 -9.66
C SER B 111 7.47 15.62 -11.10
N ASN B 112 8.61 16.24 -11.41
CA ASN B 112 8.90 16.66 -12.76
C ASN B 112 8.97 15.46 -13.69
N THR B 113 8.38 15.60 -14.87
CA THR B 113 8.37 14.51 -15.83
C THR B 113 9.74 14.38 -16.49
N VAL B 114 10.22 13.15 -16.64
CA VAL B 114 11.52 12.92 -17.24
C VAL B 114 11.49 11.80 -18.29
N GLU B 115 12.31 11.96 -19.32
CA GLU B 115 12.33 11.02 -20.45
C GLU B 115 13.66 10.30 -20.55
N GLU B 116 13.59 9.02 -20.91
CA GLU B 116 14.79 8.19 -21.06
C GLU B 116 14.56 7.09 -22.08
N SER B 117 15.55 6.88 -22.94
CA SER B 117 15.44 5.92 -24.03
C SER B 117 16.03 4.56 -23.67
N THR B 118 15.59 3.53 -24.40
CA THR B 118 16.13 2.19 -24.26
C THR B 118 16.67 1.69 -25.59
N LEU B 119 17.67 0.83 -25.54
CA LEU B 119 18.26 0.27 -26.76
C LEU B 119 19.01 -1.03 -26.47
#